data_2Y7S
#
_entry.id   2Y7S
#
_cell.length_a   47.480
_cell.length_b   99.650
_cell.length_c   58.060
_cell.angle_alpha   90.00
_cell.angle_beta   97.82
_cell.angle_gamma   90.00
#
_symmetry.space_group_name_H-M   'P 1 21 1'
#
loop_
_entity.id
_entity.type
_entity.pdbx_description
1 polymer 'FACTOR H BINDING PROTEIN'
2 water water
#
_entity_poly.entity_id   1
_entity_poly.type   'polypeptide(L)'
_entity_poly.pdbx_seq_one_letter_code
;MVAADIGAGLADALTAPLDHKDKGLQSLTLDQSVRKNEKLKLAAQGAEKTYGNGDSLNTGKLKNDKVSRFDFIRQIEVDG
QLITLESGEFQVYKQSHSALTAFQTEQIQDSEHSGKMVAKRQFRIGDLGGEHTAFNQLPDGKAEYRGTAFGSDDAGGKLT
YTIDFTKKQGNGKIEHLKSPELNVELASAEIKADGKSHAVILGDVRYGSEEKGSYSLGIFGGRAQEVAGSAEVKTVNGIR
HIGLAAKQLEHHHHHH
;
_entity_poly.pdbx_strand_id   A,B
#
# COMPACT_ATOMS: atom_id res chain seq x y z
N GLY A 9 15.18 -14.12 -23.67
CA GLY A 9 15.25 -12.74 -23.21
C GLY A 9 15.16 -12.61 -21.69
N LEU A 10 14.82 -13.70 -21.02
CA LEU A 10 14.67 -13.65 -19.58
C LEU A 10 16.02 -13.54 -18.87
N ALA A 11 16.98 -14.40 -19.22
CA ALA A 11 18.30 -14.31 -18.61
C ALA A 11 18.93 -12.94 -18.88
N ASP A 12 18.74 -12.44 -20.10
CA ASP A 12 19.33 -11.16 -20.51
C ASP A 12 18.77 -9.99 -19.72
N ALA A 13 17.47 -10.00 -19.47
CA ALA A 13 16.86 -8.97 -18.64
C ALA A 13 17.55 -8.90 -17.27
N LEU A 14 18.03 -10.04 -16.80
CA LEU A 14 18.67 -10.11 -15.50
C LEU A 14 20.16 -9.77 -15.54
N THR A 15 20.82 -9.95 -16.68
CA THR A 15 22.27 -9.81 -16.72
C THR A 15 22.80 -8.65 -17.55
N ALA A 16 22.05 -8.26 -18.57
CA ALA A 16 22.51 -7.26 -19.54
C ALA A 16 22.15 -5.82 -19.15
N PRO A 17 23.03 -4.86 -19.46
CA PRO A 17 22.77 -3.45 -19.15
C PRO A 17 21.63 -2.89 -20.00
N LEU A 18 20.99 -1.82 -19.53
CA LEU A 18 19.97 -1.16 -20.36
C LEU A 18 20.59 -0.78 -21.71
N ASP A 19 19.87 -1.07 -22.78
CA ASP A 19 20.32 -0.76 -24.13
C ASP A 19 19.15 -0.22 -24.95
N HIS A 20 19.19 1.07 -25.26
CA HIS A 20 18.06 1.74 -25.93
C HIS A 20 17.81 1.18 -27.32
N LYS A 21 18.69 0.29 -27.79
CA LYS A 21 18.46 -0.44 -29.04
C LYS A 21 17.28 -1.41 -28.96
N ASP A 22 17.10 -2.03 -27.79
CA ASP A 22 16.01 -2.96 -27.57
C ASP A 22 14.64 -2.25 -27.72
N LYS A 23 13.61 -2.99 -28.11
CA LYS A 23 12.27 -2.41 -28.20
C LYS A 23 11.77 -1.95 -26.83
N GLY A 24 11.23 -0.74 -26.75
CA GLY A 24 10.62 -0.25 -25.52
C GLY A 24 9.31 -0.98 -25.25
N LEU A 25 8.72 -0.81 -24.06
CA LEU A 25 9.22 0.06 -23.01
C LEU A 25 10.62 -0.34 -22.54
N GLN A 26 11.52 0.62 -22.46
CA GLN A 26 12.93 0.31 -22.22
C GLN A 26 13.17 -0.20 -20.81
N SER A 27 12.50 0.39 -19.83
CA SER A 27 12.65 -0.05 -18.44
C SER A 27 11.47 0.34 -17.56
N LEU A 28 11.41 -0.26 -16.37
CA LEU A 28 10.33 -0.01 -15.43
C LEU A 28 10.93 0.12 -14.05
N THR A 29 10.54 1.17 -13.35
CA THR A 29 11.04 1.38 -12.00
C THR A 29 10.27 0.50 -11.01
N LEU A 30 10.99 -0.25 -10.21
CA LEU A 30 10.35 -1.14 -9.27
C LEU A 30 10.16 -0.37 -7.97
N ASP A 31 9.08 0.40 -7.88
CA ASP A 31 8.75 1.14 -6.66
C ASP A 31 7.88 0.29 -5.73
N GLN A 32 6.88 -0.37 -6.30
CA GLN A 32 5.96 -1.19 -5.53
C GLN A 32 6.43 -2.63 -5.38
N SER A 33 7.20 -3.11 -6.37
CA SER A 33 7.59 -4.51 -6.41
C SER A 33 8.68 -4.87 -5.40
N VAL A 34 9.35 -3.87 -4.87
CA VAL A 34 10.37 -4.08 -3.84
C VAL A 34 10.13 -3.10 -2.72
N ARG A 35 9.79 -3.59 -1.54
CA ARG A 35 9.52 -2.70 -0.43
C ARG A 35 10.80 -2.16 0.19
N LYS A 36 10.76 -0.91 0.65
CA LYS A 36 11.84 -0.37 1.46
C LYS A 36 12.23 -1.37 2.55
N ASN A 37 13.53 -1.46 2.85
CA ASN A 37 14.02 -2.37 3.90
C ASN A 37 14.06 -3.84 3.49
N GLU A 38 13.65 -4.14 2.27
CA GLU A 38 13.67 -5.50 1.76
C GLU A 38 14.42 -5.57 0.43
N LYS A 39 14.58 -6.78 -0.08
CA LYS A 39 15.21 -6.98 -1.38
C LYS A 39 14.38 -7.99 -2.17
N LEU A 40 14.47 -7.91 -3.49
CA LEU A 40 13.77 -8.88 -4.36
C LEU A 40 14.76 -9.56 -5.29
N LYS A 41 14.87 -10.88 -5.19
CA LYS A 41 15.78 -11.62 -6.06
C LYS A 41 14.95 -12.32 -7.14
N LEU A 42 15.26 -12.04 -8.39
CA LEU A 42 14.58 -12.68 -9.51
C LEU A 42 15.53 -13.69 -10.15
N ALA A 43 15.01 -14.84 -10.57
CA ALA A 43 15.84 -15.85 -11.24
C ALA A 43 15.11 -16.45 -12.45
N ALA A 44 15.83 -16.65 -13.54
CA ALA A 44 15.29 -17.33 -14.70
C ALA A 44 16.37 -17.83 -15.63
N GLN A 45 16.11 -18.95 -16.29
CA GLN A 45 16.99 -19.44 -17.34
C GLN A 45 18.47 -19.37 -16.96
N GLY A 46 18.79 -19.71 -15.72
CA GLY A 46 20.17 -19.81 -15.29
C GLY A 46 20.81 -18.54 -14.77
N ALA A 47 20.05 -17.46 -14.74
CA ALA A 47 20.57 -16.19 -14.25
C ALA A 47 19.76 -15.72 -13.05
N GLU A 48 20.31 -14.75 -12.33
CA GLU A 48 19.57 -14.09 -11.27
C GLU A 48 20.03 -12.64 -11.11
N LYS A 49 19.18 -11.83 -10.49
CA LYS A 49 19.56 -10.47 -10.13
C LYS A 49 18.75 -10.06 -8.91
N THR A 50 19.38 -9.26 -8.05
CA THR A 50 18.73 -8.74 -6.85
C THR A 50 18.42 -7.24 -7.00
N TYR A 51 17.21 -6.85 -6.59
CA TYR A 51 16.72 -5.48 -6.78
C TYR A 51 16.37 -4.85 -5.43
N GLY A 52 16.64 -3.56 -5.30
CA GLY A 52 16.18 -2.81 -4.15
C GLY A 52 15.09 -1.83 -4.58
N ASN A 53 14.40 -1.25 -3.60
CA ASN A 53 13.35 -0.30 -3.92
C ASN A 53 13.88 0.82 -4.82
N GLY A 54 13.18 1.06 -5.93
CA GLY A 54 13.54 2.12 -6.86
C GLY A 54 14.46 1.71 -8.01
N ASP A 55 14.95 0.49 -7.98
CA ASP A 55 15.82 0.01 -9.05
C ASP A 55 14.99 -0.18 -10.31
N SER A 56 15.65 -0.20 -11.46
CA SER A 56 14.91 -0.43 -12.70
C SER A 56 15.01 -1.89 -13.19
N LEU A 57 13.89 -2.38 -13.69
CA LEU A 57 13.81 -3.66 -14.35
C LEU A 57 14.07 -3.45 -15.84
N ASN A 58 14.94 -4.25 -16.44
CA ASN A 58 15.24 -4.11 -17.88
C ASN A 58 14.18 -4.76 -18.77
N THR A 59 13.02 -4.13 -18.83
CA THR A 59 11.91 -4.61 -19.67
C THR A 59 12.27 -4.56 -21.17
N GLY A 60 13.29 -3.78 -21.53
CA GLY A 60 13.72 -3.75 -22.92
C GLY A 60 14.00 -5.14 -23.48
N LYS A 61 14.54 -6.02 -22.66
CA LYS A 61 14.90 -7.36 -23.12
C LYS A 61 13.73 -8.33 -23.23
N LEU A 62 12.58 -7.94 -22.70
CA LEU A 62 11.41 -8.82 -22.66
C LEU A 62 10.56 -8.68 -23.91
N LYS A 63 9.76 -9.70 -24.21
CA LYS A 63 8.88 -9.66 -25.38
C LYS A 63 7.68 -8.77 -25.11
N ASN A 64 7.29 -8.00 -26.11
CA ASN A 64 6.08 -7.19 -26.04
C ASN A 64 4.80 -8.01 -26.11
N ASP A 65 3.77 -7.52 -25.41
CA ASP A 65 2.43 -8.08 -25.50
C ASP A 65 2.34 -9.53 -25.01
N LYS A 66 3.16 -9.88 -24.02
CA LYS A 66 3.10 -11.20 -23.40
C LYS A 66 3.51 -11.06 -21.94
N VAL A 67 3.15 -12.03 -21.12
CA VAL A 67 3.61 -12.08 -19.73
C VAL A 67 4.96 -12.80 -19.67
N SER A 68 5.97 -12.12 -19.11
CA SER A 68 7.26 -12.78 -18.85
C SER A 68 7.27 -13.28 -17.40
N ARG A 69 7.87 -14.43 -17.16
CA ARG A 69 7.78 -15.04 -15.84
C ARG A 69 9.14 -15.34 -15.22
N PHE A 70 9.30 -14.92 -13.98
CA PHE A 70 10.53 -15.15 -13.25
C PHE A 70 10.20 -15.83 -11.94
N ASP A 71 11.13 -16.63 -11.43
CA ASP A 71 11.04 -17.06 -10.05
C ASP A 71 11.46 -15.89 -9.14
N PHE A 72 10.77 -15.68 -8.03
CA PHE A 72 11.18 -14.61 -7.11
C PHE A 72 11.38 -15.11 -5.69
N ILE A 73 12.27 -14.43 -4.97
CA ILE A 73 12.39 -14.61 -3.53
C ILE A 73 12.45 -13.22 -2.94
N ARG A 74 11.54 -12.93 -2.03
CA ARG A 74 11.55 -11.66 -1.30
C ARG A 74 12.33 -11.87 -0.01
N GLN A 75 13.35 -11.05 0.20
CA GLN A 75 14.30 -11.29 1.27
C GLN A 75 14.43 -10.10 2.19
N ILE A 76 14.91 -10.34 3.40
CA ILE A 76 15.27 -9.27 4.30
C ILE A 76 16.68 -9.54 4.85
N GLU A 77 17.54 -8.53 4.86
CA GLU A 77 18.87 -8.70 5.44
C GLU A 77 18.85 -8.26 6.90
N VAL A 78 19.16 -9.19 7.79
CA VAL A 78 19.13 -8.88 9.22
C VAL A 78 20.49 -9.22 9.79
N ASP A 79 21.21 -8.19 10.24
CA ASP A 79 22.53 -8.36 10.82
C ASP A 79 23.43 -9.25 9.95
N GLY A 80 23.57 -8.89 8.68
CA GLY A 80 24.44 -9.64 7.79
C GLY A 80 23.78 -10.73 6.96
N GLN A 81 22.84 -11.48 7.54
CA GLN A 81 22.28 -12.64 6.84
C GLN A 81 20.95 -12.41 6.10
N LEU A 82 20.77 -13.09 4.97
CA LEU A 82 19.57 -12.93 4.16
C LEU A 82 18.50 -13.99 4.50
N ILE A 83 17.34 -13.53 4.97
CA ILE A 83 16.24 -14.44 5.30
C ILE A 83 15.15 -14.36 4.22
N THR A 84 14.70 -15.51 3.72
CA THR A 84 13.60 -15.57 2.76
C THR A 84 12.26 -15.34 3.46
N LEU A 85 11.45 -14.42 2.94
CA LEU A 85 10.12 -14.12 3.49
C LEU A 85 8.99 -14.65 2.62
N GLU A 86 9.25 -14.83 1.33
CA GLU A 86 8.20 -15.19 0.39
C GLU A 86 8.86 -15.65 -0.90
N SER A 87 8.25 -16.61 -1.59
CA SER A 87 8.72 -17.01 -2.92
C SER A 87 7.56 -17.36 -3.84
N GLY A 88 7.83 -17.39 -5.14
CA GLY A 88 6.83 -17.74 -6.13
C GLY A 88 7.20 -17.23 -7.51
N GLU A 89 6.19 -16.76 -8.24
CA GLU A 89 6.39 -16.30 -9.60
C GLU A 89 6.12 -14.82 -9.77
N PHE A 90 7.06 -14.12 -10.40
CA PHE A 90 6.95 -12.69 -10.68
C PHE A 90 6.62 -12.50 -12.16
N GLN A 91 5.51 -11.83 -12.43
CA GLN A 91 5.02 -11.67 -13.79
C GLN A 91 5.17 -10.23 -14.28
N VAL A 92 5.60 -10.06 -15.52
CA VAL A 92 5.74 -8.75 -16.12
C VAL A 92 5.04 -8.73 -17.46
N TYR A 93 4.11 -7.79 -17.65
CA TYR A 93 3.51 -7.63 -18.96
C TYR A 93 4.02 -6.35 -19.62
N LYS A 94 4.66 -6.49 -20.77
CA LYS A 94 5.32 -5.35 -21.42
C LYS A 94 4.60 -4.83 -22.67
N GLN A 95 4.33 -3.53 -22.70
CA GLN A 95 3.89 -2.87 -23.93
C GLN A 95 4.96 -1.84 -24.32
N SER A 96 4.65 -1.00 -25.31
CA SER A 96 5.63 -0.04 -25.86
C SER A 96 5.84 1.21 -25.02
N HIS A 97 4.81 1.64 -24.29
CA HIS A 97 4.84 2.88 -23.53
C HIS A 97 4.43 2.62 -22.08
N SER A 98 4.17 1.36 -21.76
CA SER A 98 3.70 1.00 -20.43
C SER A 98 4.09 -0.41 -20.09
N ALA A 99 4.13 -0.72 -18.80
CA ALA A 99 4.35 -2.09 -18.32
C ALA A 99 3.77 -2.23 -16.92
N LEU A 100 3.43 -3.45 -16.54
CA LEU A 100 3.01 -3.70 -15.17
C LEU A 100 3.55 -5.05 -14.67
N THR A 101 3.60 -5.22 -13.35
CA THR A 101 4.08 -6.46 -12.77
C THR A 101 3.07 -7.00 -11.79
N ALA A 102 3.22 -8.27 -11.45
CA ALA A 102 2.33 -8.93 -10.52
C ALA A 102 3.10 -10.06 -9.85
N PHE A 103 2.59 -10.52 -8.69
CA PHE A 103 3.19 -11.59 -7.90
C PHE A 103 2.22 -12.75 -7.69
N GLN A 104 2.61 -13.95 -8.09
CA GLN A 104 1.92 -15.16 -7.68
C GLN A 104 2.73 -15.81 -6.56
N THR A 105 2.23 -15.67 -5.34
CA THR A 105 2.87 -16.27 -4.17
C THR A 105 2.71 -17.79 -4.22
N GLU A 106 3.75 -18.51 -3.84
CA GLU A 106 3.66 -19.98 -3.68
C GLU A 106 4.11 -20.42 -2.29
N GLN A 107 4.99 -19.64 -1.66
CA GLN A 107 5.45 -19.97 -0.31
C GLN A 107 5.61 -18.71 0.51
N ILE A 108 5.36 -18.83 1.82
CA ILE A 108 5.67 -17.73 2.72
C ILE A 108 6.35 -18.25 3.97
N GLN A 109 7.03 -17.33 4.66
CA GLN A 109 7.74 -17.69 5.88
C GLN A 109 6.74 -18.24 6.89
N ASP A 110 7.13 -19.30 7.58
CA ASP A 110 6.32 -19.82 8.68
C ASP A 110 6.16 -18.73 9.72
N SER A 111 5.01 -18.66 10.37
CA SER A 111 4.74 -17.58 11.32
C SER A 111 5.50 -17.72 12.64
N GLU A 112 5.94 -18.93 12.95
CA GLU A 112 6.64 -19.20 14.22
C GLU A 112 8.15 -19.44 14.06
N HIS A 113 8.56 -20.17 13.03
CA HIS A 113 9.96 -20.48 12.82
C HIS A 113 10.48 -19.78 11.57
N SER A 114 11.35 -18.79 11.76
CA SER A 114 11.83 -17.96 10.66
C SER A 114 12.52 -18.73 9.53
N GLY A 115 13.08 -19.89 9.85
CA GLY A 115 13.83 -20.65 8.87
C GLY A 115 12.99 -21.62 8.07
N LYS A 116 11.67 -21.60 8.28
CA LYS A 116 10.80 -22.54 7.58
C LYS A 116 9.90 -21.81 6.60
N MET A 117 9.72 -22.39 5.41
CA MET A 117 8.75 -21.88 4.46
C MET A 117 7.54 -22.84 4.37
N VAL A 118 6.38 -22.25 4.11
CA VAL A 118 5.11 -22.95 4.09
C VAL A 118 4.36 -22.63 2.80
N ALA A 119 3.78 -23.64 2.17
CA ALA A 119 3.01 -23.44 0.95
C ALA A 119 1.86 -22.47 1.20
N LYS A 120 1.70 -21.50 0.31
CA LYS A 120 0.62 -20.52 0.39
C LYS A 120 0.51 -19.79 -0.93
N ARG A 121 -0.71 -19.73 -1.47
CA ARG A 121 -0.94 -19.12 -2.77
C ARG A 121 -1.79 -17.86 -2.66
N GLN A 122 -1.37 -16.83 -3.38
CA GLN A 122 -2.15 -15.59 -3.48
C GLN A 122 -1.54 -14.75 -4.58
N PHE A 123 -2.27 -13.73 -4.99
CA PHE A 123 -1.92 -12.98 -6.20
C PHE A 123 -2.15 -11.51 -5.96
N ARG A 124 -1.26 -10.67 -6.48
CA ARG A 124 -1.37 -9.25 -6.28
C ARG A 124 -0.64 -8.49 -7.38
N ILE A 125 -1.07 -7.27 -7.63
CA ILE A 125 -0.45 -6.39 -8.61
C ILE A 125 0.77 -5.68 -8.00
N GLY A 126 1.79 -5.51 -8.82
CA GLY A 126 2.98 -4.81 -8.39
C GLY A 126 3.03 -3.40 -8.95
N ASP A 127 4.02 -3.14 -9.80
CA ASP A 127 4.20 -1.81 -10.37
C ASP A 127 3.40 -1.58 -11.65
N LEU A 128 3.03 -0.32 -11.88
CA LEU A 128 2.48 0.15 -13.15
C LEU A 128 3.26 1.38 -13.52
N GLY A 129 3.80 1.44 -14.74
CA GLY A 129 4.63 2.57 -15.11
C GLY A 129 4.83 2.69 -16.61
N GLY A 130 5.51 3.75 -17.01
CA GLY A 130 5.78 3.98 -18.41
C GLY A 130 5.78 5.47 -18.75
N GLU A 131 5.50 5.78 -20.01
CA GLU A 131 5.46 7.16 -20.45
C GLU A 131 4.02 7.65 -20.32
N HIS A 132 3.66 8.19 -19.17
CA HIS A 132 2.28 8.65 -18.94
C HIS A 132 1.91 9.77 -19.91
N THR A 133 0.67 9.73 -20.41
CA THR A 133 0.15 10.79 -21.26
C THR A 133 -0.28 11.95 -20.38
N ALA A 134 0.15 13.15 -20.73
CA ALA A 134 -0.21 14.32 -19.95
C ALA A 134 -1.70 14.62 -20.14
N PHE A 135 -2.41 14.92 -19.05
CA PHE A 135 -3.82 15.23 -19.17
C PHE A 135 -4.10 16.33 -20.18
N ASN A 136 -3.26 17.36 -20.21
CA ASN A 136 -3.48 18.49 -21.11
C ASN A 136 -2.94 18.28 -22.51
N GLN A 137 -2.43 17.10 -22.81
CA GLN A 137 -1.93 16.81 -24.14
C GLN A 137 -2.67 15.64 -24.80
N LEU A 138 -3.88 15.37 -24.33
CA LEU A 138 -4.67 14.28 -24.88
C LEU A 138 -5.04 14.56 -26.34
N PRO A 139 -5.14 13.48 -27.15
CA PRO A 139 -5.53 13.58 -28.56
C PRO A 139 -6.99 13.98 -28.69
N ASP A 140 -7.51 13.97 -29.90
CA ASP A 140 -8.78 14.63 -30.18
C ASP A 140 -10.02 13.75 -30.33
N GLY A 141 -9.91 12.62 -31.02
CA GLY A 141 -11.12 11.90 -31.38
C GLY A 141 -11.56 10.79 -30.44
N LYS A 142 -11.68 9.60 -31.00
CA LYS A 142 -11.96 8.40 -30.26
C LYS A 142 -10.86 7.39 -30.54
N ALA A 143 -10.64 6.45 -29.62
CA ALA A 143 -9.64 5.42 -29.82
C ALA A 143 -10.13 4.07 -29.28
N GLU A 144 -9.77 3.00 -29.99
CA GLU A 144 -10.08 1.63 -29.57
C GLU A 144 -8.80 0.93 -29.10
N TYR A 145 -8.89 0.24 -27.96
CA TYR A 145 -7.76 -0.49 -27.40
C TYR A 145 -8.09 -1.99 -27.28
N ARG A 146 -7.09 -2.84 -27.49
CA ARG A 146 -7.24 -4.28 -27.32
C ARG A 146 -5.99 -4.81 -26.64
N GLY A 147 -6.18 -5.73 -25.71
CA GLY A 147 -5.05 -6.31 -25.03
C GLY A 147 -5.37 -7.49 -24.13
N THR A 148 -4.71 -7.50 -22.98
CA THR A 148 -4.77 -8.65 -22.11
C THR A 148 -5.30 -8.26 -20.74
N ALA A 149 -6.06 -9.17 -20.14
CA ALA A 149 -6.37 -9.13 -18.74
C ALA A 149 -5.77 -10.40 -18.12
N PHE A 150 -4.99 -10.26 -17.05
CA PHE A 150 -4.41 -11.45 -16.41
C PHE A 150 -4.59 -11.48 -14.90
N GLY A 151 -4.98 -12.63 -14.41
CA GLY A 151 -5.13 -12.87 -12.99
C GLY A 151 -4.37 -14.12 -12.57
N SER A 152 -4.58 -14.52 -11.32
CA SER A 152 -3.92 -15.71 -10.79
C SER A 152 -4.15 -16.90 -11.72
N ASP A 153 -3.06 -17.55 -12.15
CA ASP A 153 -3.13 -18.74 -13.00
C ASP A 153 -3.86 -18.57 -14.33
N ASP A 154 -4.02 -17.33 -14.80
CA ASP A 154 -4.80 -17.13 -16.02
C ASP A 154 -4.32 -15.88 -16.75
N ALA A 155 -3.53 -16.05 -17.80
CA ALA A 155 -3.09 -14.89 -18.58
C ALA A 155 -3.83 -14.81 -19.92
N GLY A 156 -4.96 -15.50 -20.02
CA GLY A 156 -5.69 -15.59 -21.27
C GLY A 156 -6.90 -14.68 -21.39
N GLY A 157 -7.04 -13.74 -20.45
CA GLY A 157 -8.10 -12.78 -20.53
C GLY A 157 -7.91 -11.82 -21.70
N LYS A 158 -9.03 -11.34 -22.25
CA LYS A 158 -8.98 -10.40 -23.36
C LYS A 158 -9.62 -9.08 -22.97
N LEU A 159 -8.83 -8.02 -23.06
CA LEU A 159 -9.28 -6.68 -22.70
C LEU A 159 -9.71 -5.90 -23.93
N THR A 160 -10.91 -5.34 -23.86
CA THR A 160 -11.39 -4.39 -24.86
C THR A 160 -11.68 -3.08 -24.14
N TYR A 161 -11.20 -1.96 -24.70
CA TYR A 161 -11.47 -0.65 -24.10
C TYR A 161 -11.61 0.43 -25.19
N THR A 162 -12.44 1.45 -24.90
CA THR A 162 -12.72 2.53 -25.83
C THR A 162 -12.65 3.88 -25.12
N ILE A 163 -11.94 4.83 -25.71
CA ILE A 163 -11.93 6.17 -25.15
C ILE A 163 -12.47 7.20 -26.14
N ASP A 164 -13.41 8.01 -25.65
CA ASP A 164 -13.88 9.18 -26.39
C ASP A 164 -13.25 10.41 -25.77
N PHE A 165 -12.19 10.91 -26.40
CA PHE A 165 -11.44 12.04 -25.88
C PHE A 165 -12.25 13.32 -25.88
N THR A 166 -13.17 13.43 -26.84
CA THR A 166 -14.04 14.59 -26.89
C THR A 166 -14.90 14.67 -25.63
N LYS A 167 -15.52 13.55 -25.25
CA LYS A 167 -16.33 13.52 -24.04
C LYS A 167 -15.50 13.25 -22.81
N LYS A 168 -14.22 12.93 -23.02
CA LYS A 168 -13.34 12.53 -21.94
C LYS A 168 -13.97 11.41 -21.10
N GLN A 169 -14.35 10.34 -21.79
CA GLN A 169 -14.99 9.20 -21.15
C GLN A 169 -14.39 7.91 -21.69
N GLY A 170 -14.28 6.89 -20.84
CA GLY A 170 -13.84 5.58 -21.32
C GLY A 170 -14.73 4.46 -20.79
N ASN A 171 -14.75 3.34 -21.51
CA ASN A 171 -15.49 2.15 -21.11
C ASN A 171 -14.99 0.93 -21.87
N GLY A 172 -15.26 -0.28 -21.36
CA GLY A 172 -14.76 -1.48 -21.98
C GLY A 172 -15.22 -2.75 -21.28
N LYS A 173 -14.50 -3.84 -21.50
CA LYS A 173 -14.89 -5.12 -20.94
C LYS A 173 -13.75 -6.12 -20.92
N ILE A 174 -13.86 -7.09 -20.04
CA ILE A 174 -12.93 -8.20 -19.94
C ILE A 174 -13.65 -9.46 -20.36
N GLU A 175 -13.02 -10.27 -21.21
CA GLU A 175 -13.63 -11.52 -21.64
C GLU A 175 -12.65 -12.67 -21.54
N HIS A 176 -13.19 -13.89 -21.45
CA HIS A 176 -12.42 -15.11 -21.67
C HIS A 176 -11.54 -15.58 -20.52
N LEU A 177 -11.60 -14.91 -19.37
CA LEU A 177 -10.95 -15.44 -18.19
C LEU A 177 -11.67 -16.74 -17.82
N LYS A 178 -10.93 -17.71 -17.31
CA LYS A 178 -11.49 -19.03 -16.99
C LYS A 178 -12.55 -18.96 -15.88
N SER A 179 -12.34 -18.06 -14.93
CA SER A 179 -13.36 -17.84 -13.90
C SER A 179 -14.36 -16.83 -14.43
N PRO A 180 -15.60 -17.26 -14.73
CA PRO A 180 -16.54 -16.40 -15.45
C PRO A 180 -16.91 -15.12 -14.71
N GLU A 181 -16.95 -15.14 -13.39
CA GLU A 181 -17.28 -13.92 -12.64
C GLU A 181 -16.25 -12.81 -12.84
N LEU A 182 -15.10 -13.14 -13.43
CA LEU A 182 -14.07 -12.12 -13.66
C LEU A 182 -14.23 -11.42 -15.01
N ASN A 183 -15.12 -11.93 -15.86
CA ASN A 183 -15.36 -11.33 -17.15
C ASN A 183 -16.35 -10.16 -17.04
N VAL A 184 -15.89 -9.10 -16.41
CA VAL A 184 -16.74 -7.98 -16.05
C VAL A 184 -16.72 -6.85 -17.06
N GLU A 185 -17.77 -6.04 -17.02
CA GLU A 185 -17.82 -4.78 -17.74
C GLU A 185 -17.00 -3.73 -16.98
N LEU A 186 -16.16 -3.00 -17.71
CA LEU A 186 -15.49 -1.83 -17.15
C LEU A 186 -16.35 -0.61 -17.49
N ALA A 187 -17.09 -0.14 -16.50
CA ALA A 187 -18.17 0.82 -16.75
C ALA A 187 -17.66 2.19 -17.20
N SER A 188 -18.50 2.91 -17.95
CA SER A 188 -18.15 4.25 -18.41
C SER A 188 -17.59 5.07 -17.25
N ALA A 189 -16.47 5.77 -17.49
CA ALA A 189 -15.85 6.56 -16.45
C ALA A 189 -15.12 7.76 -17.05
N GLU A 190 -14.95 8.81 -16.25
CA GLU A 190 -14.32 10.04 -16.70
C GLU A 190 -12.81 9.95 -16.71
N ILE A 191 -12.19 10.58 -17.71
CA ILE A 191 -10.75 10.77 -17.73
C ILE A 191 -10.42 12.01 -16.92
N LYS A 192 -9.55 11.87 -15.93
CA LYS A 192 -9.21 12.96 -15.03
C LYS A 192 -7.70 13.16 -14.94
N ALA A 193 -7.29 14.23 -14.27
CA ALA A 193 -5.88 14.51 -14.07
C ALA A 193 -5.37 14.01 -12.73
N ASP A 194 -4.29 13.23 -12.79
CA ASP A 194 -3.56 12.74 -11.63
C ASP A 194 -3.02 13.87 -10.77
N GLY A 195 -2.34 13.49 -9.68
CA GLY A 195 -1.59 14.44 -8.89
C GLY A 195 -0.30 14.83 -9.60
N LYS A 196 0.14 13.93 -10.49
CA LYS A 196 1.28 14.23 -11.36
C LYS A 196 0.82 14.82 -12.68
N SER A 197 -0.46 15.20 -12.73
CA SER A 197 -1.13 15.70 -13.94
C SER A 197 -1.12 14.74 -15.13
N HIS A 198 -1.03 13.44 -14.84
CA HIS A 198 -1.18 12.39 -15.85
C HIS A 198 -2.65 12.04 -16.07
N ALA A 199 -3.00 11.58 -17.27
CA ALA A 199 -4.39 11.23 -17.55
C ALA A 199 -4.69 9.85 -16.95
N VAL A 200 -5.77 9.77 -16.18
CA VAL A 200 -6.13 8.52 -15.53
C VAL A 200 -7.63 8.31 -15.55
N ILE A 201 -8.05 7.05 -15.44
CA ILE A 201 -9.46 6.73 -15.36
C ILE A 201 -9.71 5.81 -14.17
N LEU A 202 -10.69 6.16 -13.34
CA LEU A 202 -11.14 5.31 -12.24
C LEU A 202 -12.63 5.07 -12.40
N GLY A 203 -13.03 3.81 -12.44
CA GLY A 203 -14.41 3.48 -12.72
C GLY A 203 -14.91 2.27 -11.95
N ASP A 204 -16.18 1.96 -12.14
CA ASP A 204 -16.79 0.80 -11.52
C ASP A 204 -16.63 -0.39 -12.42
N VAL A 205 -16.63 -1.56 -11.82
CA VAL A 205 -16.63 -2.80 -12.56
C VAL A 205 -18.04 -3.35 -12.35
N ARG A 206 -18.63 -3.95 -13.40
CA ARG A 206 -19.99 -4.50 -13.33
C ARG A 206 -20.11 -5.89 -13.95
N TYR A 207 -21.02 -6.69 -13.39
CA TYR A 207 -21.46 -7.94 -14.00
C TYR A 207 -22.97 -7.90 -14.06
N GLY A 208 -23.52 -8.02 -15.27
CA GLY A 208 -24.94 -7.81 -15.46
C GLY A 208 -25.27 -6.39 -15.04
N SER A 209 -26.35 -6.23 -14.28
CA SER A 209 -26.77 -4.89 -13.88
C SER A 209 -26.00 -4.37 -12.67
N GLU A 210 -25.25 -5.26 -12.01
CA GLU A 210 -24.72 -4.97 -10.68
C GLU A 210 -23.23 -4.59 -10.61
N GLU A 211 -22.94 -3.64 -9.73
CA GLU A 211 -21.58 -3.23 -9.43
C GLU A 211 -20.83 -4.39 -8.74
N LYS A 212 -19.56 -4.58 -9.11
CA LYS A 212 -18.77 -5.69 -8.56
C LYS A 212 -17.37 -5.29 -8.17
N GLY A 213 -17.07 -4.00 -8.11
CA GLY A 213 -15.74 -3.56 -7.76
C GLY A 213 -15.32 -2.33 -8.54
N SER A 214 -14.03 -2.23 -8.85
CA SER A 214 -13.52 -1.01 -9.45
C SER A 214 -12.40 -1.34 -10.41
N TYR A 215 -12.07 -0.38 -11.27
CA TYR A 215 -10.91 -0.51 -12.12
C TYR A 215 -10.18 0.82 -12.17
N SER A 216 -8.90 0.75 -12.53
CA SER A 216 -8.08 1.93 -12.60
C SER A 216 -7.12 1.78 -13.76
N LEU A 217 -7.14 2.74 -14.68
CA LEU A 217 -6.28 2.73 -15.85
C LEU A 217 -5.51 4.04 -15.97
N GLY A 218 -4.25 3.94 -16.39
CA GLY A 218 -3.49 5.12 -16.77
C GLY A 218 -3.38 5.12 -18.29
N ILE A 219 -3.33 6.30 -18.87
CA ILE A 219 -3.19 6.42 -20.32
C ILE A 219 -1.72 6.72 -20.63
N PHE A 220 -1.17 6.02 -21.62
CA PHE A 220 0.26 6.12 -21.91
C PHE A 220 0.59 6.38 -23.37
N GLY A 221 1.73 7.03 -23.62
CA GLY A 221 2.15 7.32 -24.97
C GLY A 221 1.75 8.73 -25.35
N GLY A 222 2.56 9.35 -26.22
CA GLY A 222 2.34 10.71 -26.66
C GLY A 222 0.98 10.91 -27.30
N ARG A 223 0.45 9.85 -27.92
CA ARG A 223 -0.84 9.91 -28.60
C ARG A 223 -1.91 9.03 -27.92
N ALA A 224 -1.71 8.74 -26.64
CA ALA A 224 -2.63 7.86 -25.90
C ALA A 224 -2.75 6.50 -26.58
N GLN A 225 -1.60 5.95 -26.97
CA GLN A 225 -1.54 4.66 -27.63
C GLN A 225 -1.99 3.53 -26.73
N GLU A 226 -1.81 3.69 -25.42
CA GLU A 226 -1.99 2.55 -24.53
C GLU A 226 -2.74 2.89 -23.26
N VAL A 227 -3.38 1.87 -22.70
CA VAL A 227 -3.92 1.96 -21.36
C VAL A 227 -3.38 0.79 -20.56
N ALA A 228 -3.17 0.99 -19.27
CA ALA A 228 -2.73 -0.10 -18.40
C ALA A 228 -3.08 0.24 -16.97
N GLY A 229 -3.27 -0.79 -16.17
CA GLY A 229 -3.67 -0.61 -14.79
C GLY A 229 -4.19 -1.93 -14.27
N SER A 230 -5.27 -1.88 -13.50
CA SER A 230 -5.82 -3.10 -12.93
C SER A 230 -7.27 -2.95 -12.51
N ALA A 231 -7.90 -4.10 -12.21
CA ALA A 231 -9.26 -4.14 -11.65
C ALA A 231 -9.29 -4.97 -10.37
N GLU A 232 -10.23 -4.64 -9.49
CA GLU A 232 -10.55 -5.47 -8.33
C GLU A 232 -11.98 -5.94 -8.48
N VAL A 233 -12.18 -7.25 -8.42
CA VAL A 233 -13.52 -7.82 -8.49
C VAL A 233 -13.88 -8.48 -7.16
N LYS A 234 -15.00 -8.08 -6.59
CA LYS A 234 -15.44 -8.65 -5.34
C LYS A 234 -16.05 -10.02 -5.64
N THR A 235 -15.63 -11.02 -4.86
CA THR A 235 -16.22 -12.35 -4.96
C THR A 235 -16.40 -12.94 -3.56
N VAL A 236 -17.18 -14.01 -3.46
CA VAL A 236 -17.42 -14.58 -2.13
C VAL A 236 -16.11 -15.14 -1.54
N ASN A 237 -15.04 -15.18 -2.32
CA ASN A 237 -13.75 -15.73 -1.84
C ASN A 237 -12.41 -14.91 -1.54
N GLY A 238 -12.26 -13.58 -1.45
CA GLY A 238 -13.13 -12.48 -1.79
C GLY A 238 -12.55 -11.65 -2.95
N ILE A 239 -11.68 -10.65 -2.69
CA ILE A 239 -11.24 -9.76 -3.79
C ILE A 239 -10.24 -10.39 -4.79
N ARG A 240 -10.57 -10.33 -6.08
CA ARG A 240 -9.68 -10.84 -7.10
C ARG A 240 -9.05 -9.70 -7.87
N HIS A 241 -7.72 -9.74 -8.01
CA HIS A 241 -6.97 -8.71 -8.73
C HIS A 241 -6.65 -9.13 -10.16
N ILE A 242 -6.83 -8.21 -11.10
CA ILE A 242 -6.65 -8.51 -12.51
C ILE A 242 -5.79 -7.41 -13.10
N GLY A 243 -4.68 -7.80 -13.72
CA GLY A 243 -3.80 -6.85 -14.39
C GLY A 243 -4.34 -6.54 -15.78
N LEU A 244 -4.21 -5.30 -16.22
CA LEU A 244 -4.84 -4.85 -17.47
C LEU A 244 -3.85 -4.07 -18.33
N ALA A 245 -3.79 -4.40 -19.62
CA ALA A 245 -2.92 -3.68 -20.54
C ALA A 245 -3.42 -3.81 -21.98
N ALA A 246 -3.63 -2.69 -22.65
CA ALA A 246 -4.16 -2.74 -24.02
C ALA A 246 -3.54 -1.64 -24.85
N LYS A 247 -3.64 -1.77 -26.17
CA LYS A 247 -3.02 -0.80 -27.06
C LYS A 247 -3.85 -0.62 -28.31
N GLN A 248 -3.68 0.52 -28.98
CA GLN A 248 -4.33 0.74 -30.25
C GLN A 248 -3.74 -0.17 -31.36
N LEU A 249 -4.56 -0.51 -32.34
CA LEU A 249 -4.16 -1.42 -33.43
C LEU A 249 -3.04 -0.85 -34.30
N GLY B 9 -16.34 5.34 26.90
CA GLY B 9 -15.84 6.25 25.89
C GLY B 9 -15.69 5.59 24.52
N LEU B 10 -15.37 4.30 24.52
CA LEU B 10 -15.27 3.55 23.26
C LEU B 10 -16.63 3.48 22.58
N ALA B 11 -17.67 3.18 23.36
CA ALA B 11 -18.99 3.08 22.79
C ALA B 11 -19.40 4.45 22.26
N ASP B 12 -19.07 5.49 23.02
CA ASP B 12 -19.45 6.85 22.61
C ASP B 12 -18.79 7.27 21.30
N ALA B 13 -17.52 6.89 21.14
CA ALA B 13 -16.80 7.24 19.92
C ALA B 13 -17.52 6.67 18.70
N LEU B 14 -18.05 5.47 18.87
CA LEU B 14 -18.75 4.80 17.77
C LEU B 14 -20.11 5.43 17.51
N THR B 15 -20.86 5.75 18.56
CA THR B 15 -22.28 6.07 18.36
C THR B 15 -22.84 7.37 18.96
N ALA B 16 -22.11 8.03 19.85
CA ALA B 16 -22.63 9.27 20.45
C ALA B 16 -22.59 10.44 19.46
N PRO B 17 -23.53 11.39 19.57
CA PRO B 17 -23.48 12.57 18.71
C PRO B 17 -22.15 13.28 18.87
N LEU B 18 -21.72 13.97 17.80
CA LEU B 18 -20.48 14.72 17.88
C LEU B 18 -20.67 15.93 18.80
N ASP B 19 -19.60 16.36 19.47
CA ASP B 19 -19.66 17.46 20.43
C ASP B 19 -18.48 18.41 20.22
N HIS B 20 -18.78 19.68 19.97
CA HIS B 20 -17.74 20.68 19.74
C HIS B 20 -16.89 20.88 20.98
N LYS B 21 -17.39 20.43 22.12
CA LYS B 21 -16.67 20.60 23.39
C LYS B 21 -15.60 19.52 23.62
N ASP B 22 -15.66 18.44 22.85
CA ASP B 22 -14.75 17.32 23.07
C ASP B 22 -13.29 17.70 22.85
N LYS B 23 -12.40 17.09 23.64
CA LYS B 23 -10.97 17.32 23.51
C LYS B 23 -10.47 16.92 22.14
N GLY B 24 -9.68 17.78 21.50
CA GLY B 24 -9.02 17.42 20.26
C GLY B 24 -7.93 16.37 20.49
N LEU B 25 -7.55 15.62 19.44
CA LEU B 25 -8.11 15.75 18.10
C LEU B 25 -9.53 15.21 18.04
N GLN B 26 -10.46 16.00 17.53
CA GLN B 26 -11.88 15.62 17.57
C GLN B 26 -12.28 14.57 16.53
N SER B 27 -11.64 14.60 15.37
CA SER B 27 -12.11 13.79 14.24
C SER B 27 -10.94 13.28 13.40
N LEU B 28 -10.99 12.01 13.03
CA LEU B 28 -9.96 11.45 12.18
C LEU B 28 -10.61 10.82 10.96
N THR B 29 -10.18 11.24 9.77
CA THR B 29 -10.71 10.68 8.54
C THR B 29 -10.05 9.33 8.25
N LEU B 30 -10.87 8.30 8.04
CA LEU B 30 -10.35 6.98 7.80
C LEU B 30 -10.19 6.78 6.30
N ASP B 31 -8.98 6.91 5.80
CA ASP B 31 -8.73 6.78 4.37
C ASP B 31 -8.00 5.47 4.12
N GLN B 32 -6.87 5.28 4.78
CA GLN B 32 -6.11 4.04 4.65
C GLN B 32 -6.76 2.89 5.43
N SER B 33 -7.52 3.23 6.46
CA SER B 33 -8.07 2.20 7.33
C SER B 33 -9.21 1.43 6.67
N VAL B 34 -9.83 2.00 5.66
CA VAL B 34 -10.85 1.26 4.91
C VAL B 34 -10.83 1.66 3.44
N ARG B 35 -10.58 0.67 2.59
CA ARG B 35 -10.44 0.90 1.16
C ARG B 35 -11.78 1.06 0.48
N LYS B 36 -11.77 1.71 -0.68
CA LYS B 36 -12.98 2.07 -1.44
C LYS B 36 -14.05 0.97 -1.59
N ASN B 37 -13.61 -0.27 -1.80
CA ASN B 37 -14.52 -1.36 -2.13
C ASN B 37 -14.96 -2.13 -0.88
N GLU B 38 -14.61 -1.63 0.29
CA GLU B 38 -14.78 -2.42 1.50
C GLU B 38 -15.54 -1.66 2.58
N LYS B 39 -15.87 -2.36 3.67
CA LYS B 39 -16.49 -1.75 4.83
C LYS B 39 -15.68 -2.17 6.05
N LEU B 40 -15.65 -1.32 7.05
CA LEU B 40 -14.95 -1.62 8.29
C LEU B 40 -15.91 -1.55 9.47
N LYS B 41 -16.22 -2.68 10.07
CA LYS B 41 -17.13 -2.71 11.20
C LYS B 41 -16.35 -2.69 12.51
N LEU B 42 -16.63 -1.69 13.34
CA LEU B 42 -15.97 -1.57 14.65
C LEU B 42 -16.95 -1.88 15.77
N ALA B 43 -16.47 -2.52 16.82
CA ALA B 43 -17.31 -2.89 17.95
C ALA B 43 -16.55 -2.75 19.26
N ALA B 44 -17.17 -2.12 20.25
CA ALA B 44 -16.57 -1.95 21.56
C ALA B 44 -17.65 -1.58 22.57
N GLN B 45 -17.53 -2.12 23.78
CA GLN B 45 -18.40 -1.75 24.89
C GLN B 45 -19.89 -1.83 24.56
N GLY B 46 -20.27 -2.84 23.76
CA GLY B 46 -21.68 -3.09 23.47
C GLY B 46 -22.19 -2.33 22.27
N ALA B 47 -21.38 -1.46 21.69
CA ALA B 47 -21.79 -0.65 20.55
C ALA B 47 -21.09 -1.10 19.25
N GLU B 48 -21.66 -0.71 18.11
CA GLU B 48 -21.08 -1.02 16.79
C GLU B 48 -21.29 0.14 15.81
N LYS B 49 -20.35 0.32 14.88
CA LYS B 49 -20.55 1.22 13.73
C LYS B 49 -19.72 0.76 12.53
N THR B 50 -20.27 0.89 11.32
CA THR B 50 -19.53 0.53 10.10
C THR B 50 -19.07 1.77 9.32
N TYR B 51 -17.84 1.70 8.80
CA TYR B 51 -17.16 2.75 8.01
C TYR B 51 -16.70 1.95 6.76
N GLY B 52 -16.54 2.47 5.54
CA GLY B 52 -16.79 3.82 5.10
C GLY B 52 -15.52 4.54 4.62
N ASN B 53 -14.93 4.22 3.45
CA ASN B 53 -13.76 5.01 3.03
C ASN B 53 -14.06 6.50 3.05
N GLY B 54 -13.19 7.28 3.70
CA GLY B 54 -13.40 8.72 3.85
C GLY B 54 -14.34 9.14 4.97
N ASP B 55 -14.97 8.17 5.65
CA ASP B 55 -15.81 8.45 6.80
C ASP B 55 -14.93 8.93 7.97
N SER B 56 -15.55 9.57 8.96
CA SER B 56 -14.80 10.15 10.08
C SER B 56 -15.00 9.37 11.37
N LEU B 57 -13.91 9.13 12.07
CA LEU B 57 -13.97 8.50 13.38
C LEU B 57 -13.99 9.59 14.46
N ASN B 58 -14.91 9.47 15.39
CA ASN B 58 -15.07 10.46 16.46
C ASN B 58 -14.01 10.23 17.55
N THR B 59 -12.77 10.65 17.29
CA THR B 59 -11.70 10.49 18.26
C THR B 59 -11.90 11.45 19.45
N GLY B 60 -12.75 12.45 19.28
CA GLY B 60 -13.08 13.35 20.39
C GLY B 60 -13.48 12.61 21.67
N LYS B 61 -14.20 11.50 21.53
CA LYS B 61 -14.64 10.73 22.70
C LYS B 61 -13.57 9.85 23.33
N LEU B 62 -12.48 9.62 22.62
CA LEU B 62 -11.42 8.75 23.10
C LEU B 62 -10.44 9.49 24.03
N LYS B 63 -9.73 8.72 24.86
CA LYS B 63 -8.76 9.30 25.77
C LYS B 63 -7.47 9.67 25.04
N ASN B 64 -6.95 10.86 25.35
CA ASN B 64 -5.66 11.30 24.82
C ASN B 64 -4.47 10.51 25.38
N ASP B 65 -3.43 10.35 24.57
CA ASP B 65 -2.17 9.75 25.01
C ASP B 65 -2.30 8.30 25.45
N LYS B 66 -3.26 7.58 24.88
CA LYS B 66 -3.41 6.15 25.14
C LYS B 66 -3.93 5.44 23.89
N VAL B 67 -3.82 4.12 23.87
CA VAL B 67 -4.36 3.30 22.79
C VAL B 67 -5.79 2.94 23.11
N SER B 68 -6.71 3.29 22.21
CA SER B 68 -8.09 2.81 22.32
C SER B 68 -8.29 1.58 21.44
N ARG B 69 -9.08 0.61 21.89
CA ARG B 69 -9.15 -0.68 21.22
C ARG B 69 -10.57 -1.04 20.79
N PHE B 70 -10.70 -1.53 19.57
CA PHE B 70 -11.99 -1.95 19.01
C PHE B 70 -11.84 -3.30 18.34
N ASP B 71 -12.88 -4.13 18.38
CA ASP B 71 -12.87 -5.35 17.59
C ASP B 71 -13.25 -4.94 16.18
N PHE B 72 -12.54 -5.43 15.17
CA PHE B 72 -12.89 -5.07 13.80
C PHE B 72 -13.20 -6.25 12.92
N ILE B 73 -14.07 -5.99 11.93
CA ILE B 73 -14.28 -6.88 10.81
C ILE B 73 -14.16 -6.06 9.52
N ARG B 74 -13.26 -6.48 8.64
CA ARG B 74 -13.16 -5.89 7.31
C ARG B 74 -13.99 -6.74 6.34
N GLN B 75 -14.91 -6.11 5.61
CA GLN B 75 -15.89 -6.84 4.82
C GLN B 75 -16.02 -6.26 3.43
N ILE B 76 -16.49 -7.09 2.50
CA ILE B 76 -16.99 -6.62 1.22
C ILE B 76 -18.43 -7.11 1.06
N GLU B 77 -19.23 -6.36 0.33
CA GLU B 77 -20.59 -6.79 0.05
C GLU B 77 -20.65 -7.31 -1.39
N VAL B 78 -21.12 -8.54 -1.55
CA VAL B 78 -21.29 -9.09 -2.88
C VAL B 78 -22.41 -10.11 -2.86
N ASP B 79 -23.22 -10.12 -3.92
CA ASP B 79 -24.37 -11.00 -4.03
C ASP B 79 -25.26 -10.97 -2.79
N GLY B 80 -25.46 -9.77 -2.23
CA GLY B 80 -26.27 -9.59 -1.05
C GLY B 80 -25.67 -10.09 0.24
N GLN B 81 -24.45 -10.61 0.17
CA GLN B 81 -23.76 -11.12 1.35
C GLN B 81 -22.70 -10.16 1.86
N LEU B 82 -22.42 -10.24 3.15
CA LEU B 82 -21.29 -9.57 3.78
C LEU B 82 -20.17 -10.57 4.02
N ILE B 83 -19.09 -10.44 3.27
CA ILE B 83 -18.00 -11.41 3.29
C ILE B 83 -16.86 -10.88 4.15
N THR B 84 -16.45 -11.66 5.14
CA THR B 84 -15.35 -11.25 6.01
C THR B 84 -14.02 -11.47 5.33
N LEU B 85 -13.20 -10.43 5.27
CA LEU B 85 -11.86 -10.54 4.68
C LEU B 85 -10.83 -10.75 5.78
N GLU B 86 -11.08 -10.13 6.93
CA GLU B 86 -10.11 -10.08 8.02
C GLU B 86 -10.82 -9.66 9.29
N SER B 87 -10.35 -10.15 10.43
CA SER B 87 -10.82 -9.66 11.72
C SER B 87 -9.68 -9.62 12.71
N GLY B 88 -9.87 -8.83 13.76
CA GLY B 88 -8.88 -8.69 14.78
C GLY B 88 -9.20 -7.49 15.64
N GLU B 89 -8.16 -6.77 16.04
CA GLU B 89 -8.32 -5.60 16.88
C GLU B 89 -7.76 -4.36 16.19
N PHE B 90 -8.55 -3.30 16.21
CA PHE B 90 -8.23 -2.01 15.61
C PHE B 90 -7.80 -1.10 16.74
N GLN B 91 -6.60 -0.52 16.63
CA GLN B 91 -6.07 0.34 17.70
C GLN B 91 -6.01 1.79 17.24
N VAL B 92 -6.34 2.71 18.16
CA VAL B 92 -6.32 4.13 17.86
C VAL B 92 -5.50 4.84 18.94
N TYR B 93 -4.50 5.61 18.54
CA TYR B 93 -3.75 6.42 19.49
C TYR B 93 -4.05 7.90 19.20
N LYS B 94 -4.55 8.62 20.20
CA LYS B 94 -5.04 9.99 20.00
C LYS B 94 -4.16 11.00 20.71
N GLN B 95 -3.71 12.01 19.99
CA GLN B 95 -3.11 13.17 20.64
C GLN B 95 -3.97 14.40 20.37
N SER B 96 -3.45 15.60 20.62
CA SER B 96 -4.28 16.80 20.46
C SER B 96 -4.39 17.33 19.03
N HIS B 97 -3.41 17.03 18.18
CA HIS B 97 -3.43 17.56 16.82
C HIS B 97 -3.12 16.47 15.80
N SER B 98 -3.10 15.23 16.28
CA SER B 98 -2.73 14.09 15.46
C SER B 98 -3.27 12.84 16.09
N ALA B 99 -3.44 11.80 15.26
CA ALA B 99 -3.88 10.49 15.73
C ALA B 99 -3.42 9.44 14.74
N LEU B 100 -3.30 8.20 15.22
CA LEU B 100 -2.75 7.12 14.42
C LEU B 100 -3.63 5.90 14.62
N THR B 101 -3.83 5.09 13.58
CA THR B 101 -4.51 3.80 13.79
C THR B 101 -3.66 2.62 13.35
N ALA B 102 -3.98 1.44 13.87
CA ALA B 102 -3.25 0.22 13.55
C ALA B 102 -4.20 -0.99 13.60
N PHE B 103 -3.82 -2.06 12.88
CA PHE B 103 -4.62 -3.28 12.86
C PHE B 103 -3.82 -4.41 13.44
N GLN B 104 -4.37 -5.10 14.43
CA GLN B 104 -3.82 -6.39 14.84
C GLN B 104 -4.69 -7.49 14.28
N THR B 105 -4.24 -8.11 13.19
CA THR B 105 -4.98 -9.22 12.61
C THR B 105 -4.99 -10.45 13.52
N GLU B 106 -6.14 -11.12 13.59
CA GLU B 106 -6.23 -12.43 14.26
C GLU B 106 -6.76 -13.53 13.32
N GLN B 107 -7.52 -13.14 12.30
CA GLN B 107 -8.08 -14.08 11.33
C GLN B 107 -8.08 -13.47 9.93
N ILE B 108 -7.80 -14.30 8.92
CA ILE B 108 -7.73 -13.84 7.55
C ILE B 108 -8.48 -14.82 6.68
N GLN B 109 -9.09 -14.31 5.62
CA GLN B 109 -9.80 -15.18 4.71
C GLN B 109 -8.78 -15.91 3.86
N ASP B 110 -8.93 -17.23 3.79
CA ASP B 110 -8.14 -18.06 2.90
C ASP B 110 -8.83 -18.14 1.53
N SER B 111 -8.39 -17.29 0.61
CA SER B 111 -9.02 -17.19 -0.72
C SER B 111 -8.89 -18.46 -1.56
N GLU B 112 -7.86 -19.27 -1.29
CA GLU B 112 -7.62 -20.46 -2.11
C GLU B 112 -8.50 -21.62 -1.68
N HIS B 113 -9.14 -21.49 -0.52
CA HIS B 113 -9.92 -22.57 0.04
C HIS B 113 -11.34 -22.13 0.37
N SER B 114 -12.05 -21.68 -0.67
CA SER B 114 -13.44 -21.25 -0.58
C SER B 114 -13.68 -20.19 0.50
N GLY B 115 -12.68 -19.33 0.71
CA GLY B 115 -12.85 -18.16 1.55
C GLY B 115 -12.99 -18.45 3.03
N LYS B 116 -12.55 -19.63 3.47
CA LYS B 116 -12.63 -20.00 4.89
C LYS B 116 -11.71 -19.08 5.69
N MET B 117 -12.12 -18.76 6.92
CA MET B 117 -11.29 -17.95 7.81
C MET B 117 -10.26 -18.81 8.55
N VAL B 118 -9.03 -18.33 8.60
CA VAL B 118 -7.98 -19.06 9.30
C VAL B 118 -7.23 -18.11 10.24
N ALA B 119 -6.69 -18.65 11.32
CA ALA B 119 -5.96 -17.84 12.28
C ALA B 119 -4.71 -17.27 11.60
N LYS B 120 -4.43 -15.99 11.85
CA LYS B 120 -3.28 -15.33 11.26
C LYS B 120 -3.01 -14.04 12.01
N ARG B 121 -1.77 -13.87 12.47
CA ARG B 121 -1.46 -12.69 13.25
C ARG B 121 -0.48 -11.81 12.47
N GLN B 122 -0.85 -10.53 12.36
CA GLN B 122 -0.06 -9.52 11.65
C GLN B 122 -0.38 -8.18 12.28
N PHE B 123 0.56 -7.25 12.22
CA PHE B 123 0.33 -5.92 12.78
C PHE B 123 0.80 -4.88 11.79
N ARG B 124 -0.07 -3.91 11.46
CA ARG B 124 0.28 -2.89 10.48
C ARG B 124 -0.31 -1.53 10.86
N ILE B 125 0.24 -0.46 10.28
CA ILE B 125 -0.27 0.88 10.52
C ILE B 125 -1.45 1.23 9.60
N GLY B 126 -2.41 1.97 10.14
CA GLY B 126 -3.58 2.34 9.37
C GLY B 126 -3.46 3.78 8.91
N ASP B 127 -4.29 4.65 9.47
CA ASP B 127 -4.22 6.06 9.12
C ASP B 127 -3.29 6.84 10.04
N LEU B 128 -2.69 7.88 9.50
CA LEU B 128 -1.96 8.88 10.26
C LEU B 128 -2.58 10.22 9.83
N GLY B 129 -3.28 10.88 10.74
CA GLY B 129 -4.00 12.07 10.37
C GLY B 129 -3.96 13.15 11.44
N GLY B 130 -4.49 14.32 11.09
CA GLY B 130 -4.55 15.43 12.00
C GLY B 130 -4.17 16.72 11.29
N GLU B 131 -3.68 17.68 12.06
CA GLU B 131 -3.35 19.00 11.55
C GLU B 131 -1.88 19.08 11.17
N HIS B 132 -1.56 18.73 9.93
CA HIS B 132 -0.17 18.68 9.48
C HIS B 132 0.46 20.08 9.53
N THR B 133 1.66 20.17 10.09
CA THR B 133 2.40 21.42 10.13
C THR B 133 2.95 21.72 8.75
N ALA B 134 2.68 22.91 8.24
CA ALA B 134 3.23 23.31 6.96
C ALA B 134 4.75 23.42 7.06
N PHE B 135 5.46 22.86 6.09
CA PHE B 135 6.91 22.93 6.11
C PHE B 135 7.40 24.38 6.21
N ASN B 136 6.71 25.30 5.54
CA ASN B 136 7.14 26.70 5.56
C ASN B 136 6.60 27.51 6.75
N GLN B 137 6.10 26.82 7.76
CA GLN B 137 5.62 27.47 8.97
C GLN B 137 6.25 26.89 10.23
N LEU B 138 7.42 26.26 10.09
CA LEU B 138 8.06 25.63 11.25
C LEU B 138 8.62 26.68 12.21
N PRO B 139 8.52 26.42 13.52
CA PRO B 139 9.02 27.40 14.49
C PRO B 139 10.54 27.55 14.48
N ASP B 140 11.04 28.48 15.29
CA ASP B 140 12.48 28.64 15.48
C ASP B 140 12.91 27.79 16.65
N GLY B 141 14.20 27.48 16.74
CA GLY B 141 14.73 26.85 17.92
C GLY B 141 14.64 25.35 17.97
N LYS B 142 14.38 24.81 19.16
CA LYS B 142 14.41 23.37 19.41
C LYS B 142 13.12 22.94 20.09
N ALA B 143 12.83 21.65 20.02
CA ALA B 143 11.67 21.12 20.72
C ALA B 143 11.95 19.69 21.17
N GLU B 144 11.46 19.35 22.36
CA GLU B 144 11.57 17.99 22.89
C GLU B 144 10.21 17.34 22.92
N TYR B 145 10.15 16.09 22.49
CA TYR B 145 8.89 15.35 22.47
C TYR B 145 8.99 14.07 23.27
N ARG B 146 7.88 13.69 23.88
CA ARG B 146 7.79 12.45 24.63
C ARG B 146 6.45 11.82 24.35
N GLY B 147 6.43 10.48 24.30
CA GLY B 147 5.18 9.78 24.08
C GLY B 147 5.38 8.29 24.03
N THR B 148 4.67 7.66 23.08
CA THR B 148 4.45 6.23 23.08
C THR B 148 4.92 5.60 21.79
N ALA B 149 5.48 4.39 21.91
CA ALA B 149 5.71 3.53 20.76
C ALA B 149 4.90 2.28 21.04
N PHE B 150 4.09 1.85 20.08
CA PHE B 150 3.27 0.67 20.27
C PHE B 150 3.33 -0.29 19.07
N GLY B 151 3.46 -1.58 19.38
CA GLY B 151 3.54 -2.61 18.35
C GLY B 151 2.67 -3.78 18.73
N SER B 152 2.78 -4.87 17.98
CA SER B 152 1.98 -6.06 18.25
C SER B 152 2.04 -6.45 19.72
N ASP B 153 0.87 -6.53 20.35
CA ASP B 153 0.74 -6.98 21.73
C ASP B 153 1.49 -6.13 22.75
N ASP B 154 1.81 -4.89 22.39
CA ASP B 154 2.64 -4.08 23.29
C ASP B 154 2.44 -2.58 23.08
N ALA B 155 1.64 -1.96 23.94
CA ALA B 155 1.43 -0.51 23.89
C ALA B 155 2.27 0.23 24.93
N GLY B 156 3.31 -0.42 25.43
CA GLY B 156 4.06 0.11 26.55
C GLY B 156 5.37 0.79 26.20
N GLY B 157 5.64 0.96 24.91
CA GLY B 157 6.87 1.60 24.46
C GLY B 157 6.92 3.08 24.80
N LYS B 158 8.13 3.58 25.02
CA LYS B 158 8.36 4.98 25.36
C LYS B 158 9.16 5.62 24.24
N LEU B 159 8.62 6.70 23.68
CA LEU B 159 9.27 7.39 22.59
C LEU B 159 9.85 8.72 23.04
N THR B 160 11.13 8.92 22.74
CA THR B 160 11.79 10.18 22.99
C THR B 160 12.23 10.75 21.65
N TYR B 161 11.96 12.02 21.42
CA TYR B 161 12.36 12.64 20.15
C TYR B 161 12.67 14.12 20.32
N THR B 162 13.62 14.61 19.54
CA THR B 162 14.12 15.96 19.68
C THR B 162 14.24 16.54 18.30
N ILE B 163 13.75 17.77 18.10
CA ILE B 163 13.92 18.43 16.82
C ILE B 163 14.63 19.75 17.00
N ASP B 164 15.66 19.97 16.19
CA ASP B 164 16.31 21.26 16.13
C ASP B 164 15.86 21.89 14.81
N PHE B 165 14.87 22.77 14.90
CA PHE B 165 14.29 23.45 13.73
C PHE B 165 15.31 24.35 13.03
N THR B 166 16.31 24.80 13.77
CA THR B 166 17.35 25.64 13.20
C THR B 166 18.25 24.85 12.24
N LYS B 167 18.67 23.66 12.66
CA LYS B 167 19.43 22.79 11.77
C LYS B 167 18.53 21.87 10.94
N LYS B 168 17.21 21.98 11.14
CA LYS B 168 16.25 21.11 10.46
C LYS B 168 16.60 19.63 10.61
N GLN B 169 16.84 19.19 11.84
CA GLN B 169 17.28 17.84 12.13
C GLN B 169 16.51 17.30 13.32
N GLY B 170 16.17 16.01 13.26
CA GLY B 170 15.47 15.38 14.36
C GLY B 170 16.10 14.03 14.65
N ASN B 171 16.00 13.58 15.90
CA ASN B 171 16.55 12.30 16.33
C ASN B 171 15.91 11.85 17.63
N GLY B 172 15.97 10.56 17.93
CA GLY B 172 15.38 10.05 19.15
C GLY B 172 15.62 8.57 19.38
N LYS B 173 14.71 7.93 20.10
CA LYS B 173 14.90 6.53 20.45
C LYS B 173 13.60 5.91 20.98
N ILE B 174 13.55 4.59 20.92
CA ILE B 174 12.43 3.83 21.45
C ILE B 174 12.98 2.99 22.58
N GLU B 175 12.24 2.95 23.70
CA GLU B 175 12.64 2.21 24.89
C GLU B 175 11.43 1.47 25.44
N HIS B 176 11.68 0.46 26.26
CA HIS B 176 10.64 -0.19 27.06
C HIS B 176 9.64 -1.06 26.30
N LEU B 177 9.86 -1.31 25.02
CA LEU B 177 9.09 -2.37 24.39
C LEU B 177 9.57 -3.69 24.97
N LYS B 178 8.66 -4.66 25.12
CA LYS B 178 8.95 -5.94 25.76
C LYS B 178 10.00 -6.75 25.02
N SER B 179 10.04 -6.59 23.70
CA SER B 179 11.02 -7.28 22.87
C SER B 179 12.27 -6.43 22.73
N PRO B 180 13.40 -6.89 23.31
CA PRO B 180 14.62 -6.07 23.37
C PRO B 180 15.06 -5.55 22.00
N GLU B 181 14.85 -6.33 20.93
CA GLU B 181 15.35 -5.93 19.62
C GLU B 181 14.59 -4.75 19.03
N LEU B 182 13.46 -4.38 19.63
CA LEU B 182 12.65 -3.30 19.10
C LEU B 182 12.98 -1.94 19.72
N ASN B 183 13.81 -1.94 20.76
CA ASN B 183 14.22 -0.69 21.41
C ASN B 183 15.45 -0.13 20.72
N VAL B 184 15.22 0.74 19.75
CA VAL B 184 16.26 1.14 18.83
C VAL B 184 16.42 2.65 18.82
N GLU B 185 17.53 3.09 18.23
CA GLU B 185 17.73 4.51 17.99
C GLU B 185 17.00 4.95 16.72
N LEU B 186 16.33 6.09 16.81
CA LEU B 186 15.83 6.78 15.62
C LEU B 186 16.90 7.80 15.23
N ALA B 187 17.77 7.43 14.30
CA ALA B 187 18.95 8.23 13.99
C ALA B 187 18.65 9.59 13.37
N SER B 188 19.61 10.51 13.49
CA SER B 188 19.45 11.87 13.01
C SER B 188 19.00 11.89 11.56
N ALA B 189 18.02 12.75 11.26
CA ALA B 189 17.46 12.82 9.91
C ALA B 189 16.92 14.22 9.64
N GLU B 190 16.90 14.62 8.37
CA GLU B 190 16.51 15.97 7.99
C GLU B 190 14.98 16.18 7.93
N ILE B 191 14.54 17.39 8.25
CA ILE B 191 13.14 17.75 8.04
C ILE B 191 13.01 18.21 6.60
N LYS B 192 11.99 17.70 5.91
CA LYS B 192 11.74 18.07 4.52
C LYS B 192 10.25 18.30 4.29
N ALA B 193 9.92 18.90 3.15
CA ALA B 193 8.53 19.03 2.73
C ALA B 193 8.12 17.80 1.92
N ASP B 194 6.93 17.28 2.18
CA ASP B 194 6.43 16.17 1.38
C ASP B 194 5.59 16.71 0.22
N GLY B 195 4.81 15.83 -0.41
CA GLY B 195 4.02 16.19 -1.58
C GLY B 195 2.95 17.21 -1.30
N LYS B 196 2.55 17.33 -0.04
CA LYS B 196 1.52 18.27 0.37
C LYS B 196 2.12 19.53 1.00
N SER B 197 3.44 19.66 0.94
CA SER B 197 4.15 20.76 1.59
C SER B 197 4.12 20.67 3.11
N HIS B 198 3.77 19.49 3.63
CA HIS B 198 3.83 19.25 5.08
C HIS B 198 5.24 18.88 5.50
N ALA B 199 5.60 19.22 6.74
CA ALA B 199 6.90 18.86 7.29
C ALA B 199 6.96 17.39 7.74
N VAL B 200 7.92 16.65 7.20
CA VAL B 200 8.09 15.23 7.50
C VAL B 200 9.55 14.88 7.74
N ILE B 201 9.78 13.79 8.46
CA ILE B 201 11.13 13.30 8.70
C ILE B 201 11.22 11.82 8.33
N LEU B 202 12.18 11.49 7.47
CA LEU B 202 12.44 10.10 7.12
C LEU B 202 13.87 9.75 7.51
N GLY B 203 14.03 8.78 8.41
CA GLY B 203 15.35 8.44 8.91
C GLY B 203 15.64 6.96 9.01
N ASP B 204 16.83 6.67 9.51
CA ASP B 204 17.26 5.29 9.73
C ASP B 204 17.02 4.86 11.17
N VAL B 205 16.76 3.57 11.33
CA VAL B 205 16.76 2.92 12.63
C VAL B 205 18.10 2.24 12.85
N ARG B 206 18.65 2.38 14.05
CA ARG B 206 19.94 1.77 14.36
C ARG B 206 19.98 1.10 15.73
N TYR B 207 20.80 0.07 15.82
CA TYR B 207 21.04 -0.60 17.09
C TYR B 207 22.56 -0.70 17.21
N GLY B 208 23.16 0.14 18.06
CA GLY B 208 24.60 0.29 18.07
C GLY B 208 25.05 0.80 16.70
N SER B 209 25.83 0.01 15.98
CA SER B 209 26.20 0.36 14.61
C SER B 209 25.44 -0.49 13.57
N GLU B 210 24.58 -1.37 14.04
CA GLU B 210 23.75 -2.21 13.18
C GLU B 210 22.63 -1.39 12.54
N GLU B 211 22.63 -1.28 11.22
CA GLU B 211 21.51 -0.69 10.49
CA GLU B 211 21.51 -0.68 10.49
C GLU B 211 20.33 -1.65 10.57
N LYS B 212 19.21 -1.19 11.12
CA LYS B 212 18.11 -2.12 11.43
C LYS B 212 16.72 -1.65 10.99
N GLY B 213 16.66 -0.82 9.95
CA GLY B 213 15.37 -0.38 9.41
C GLY B 213 15.25 1.12 9.20
N SER B 214 14.02 1.62 9.23
CA SER B 214 13.78 3.03 8.99
C SER B 214 12.62 3.55 9.83
N TYR B 215 12.44 4.87 9.86
CA TYR B 215 11.27 5.46 10.50
C TYR B 215 10.79 6.70 9.75
N SER B 216 9.54 7.05 10.01
CA SER B 216 8.88 8.14 9.30
C SER B 216 8.02 8.88 10.30
N LEU B 217 8.25 10.18 10.44
CA LEU B 217 7.41 11.04 11.27
C LEU B 217 6.83 12.22 10.47
N GLY B 218 5.56 12.54 10.73
CA GLY B 218 5.00 13.80 10.28
C GLY B 218 5.01 14.73 11.48
N ILE B 219 5.13 16.02 11.20
CA ILE B 219 5.05 17.04 12.26
C ILE B 219 3.64 17.63 12.28
N PHE B 220 3.07 17.78 13.47
CA PHE B 220 1.67 18.17 13.60
C PHE B 220 1.41 19.34 14.53
N GLY B 221 0.35 20.08 14.24
CA GLY B 221 -0.05 21.21 15.06
C GLY B 221 0.51 22.53 14.56
N GLY B 222 -0.24 23.60 14.75
CA GLY B 222 0.14 24.92 14.28
C GLY B 222 1.55 25.32 14.69
N ARG B 223 1.96 24.91 15.89
CA ARG B 223 3.29 25.23 16.39
C ARG B 223 4.19 24.00 16.51
N ALA B 224 3.95 23.00 15.68
CA ALA B 224 4.72 21.76 15.71
C ALA B 224 4.71 21.13 17.11
N GLN B 225 3.57 21.19 17.77
CA GLN B 225 3.39 20.58 19.08
C GLN B 225 3.64 19.07 19.12
N GLU B 226 3.48 18.41 17.97
CA GLU B 226 3.46 16.95 17.98
C GLU B 226 4.21 16.30 16.82
N VAL B 227 4.62 15.04 17.05
CA VAL B 227 5.09 14.18 15.97
C VAL B 227 4.33 12.85 15.99
N ALA B 228 4.12 12.27 14.82
CA ALA B 228 3.45 10.98 14.75
C ALA B 228 3.81 10.28 13.46
N GLY B 229 3.92 8.95 13.51
CA GLY B 229 4.30 8.16 12.35
C GLY B 229 4.60 6.72 12.78
N SER B 230 5.68 6.16 12.28
CA SER B 230 5.95 4.75 12.60
C SER B 230 7.37 4.36 12.28
N ALA B 231 7.81 3.26 12.87
CA ALA B 231 9.12 2.72 12.54
C ALA B 231 8.96 1.32 11.95
N GLU B 232 9.94 0.94 11.13
CA GLU B 232 10.03 -0.40 10.59
C GLU B 232 11.34 -1.00 11.10
N VAL B 233 11.25 -1.99 11.98
CA VAL B 233 12.45 -2.63 12.47
C VAL B 233 12.65 -4.02 11.85
N LYS B 234 13.82 -4.25 11.28
CA LYS B 234 14.09 -5.52 10.62
C LYS B 234 14.37 -6.64 11.63
N THR B 235 13.69 -7.77 11.47
CA THR B 235 13.93 -8.94 12.32
C THR B 235 13.89 -10.17 11.43
N VAL B 236 14.42 -11.28 11.92
CA VAL B 236 14.44 -12.52 11.13
C VAL B 236 13.03 -12.99 10.76
N ASN B 237 12.04 -12.59 11.55
CA ASN B 237 10.65 -12.86 11.22
C ASN B 237 10.01 -11.78 10.36
N GLY B 238 10.83 -10.94 9.75
CA GLY B 238 10.30 -9.89 8.89
C GLY B 238 10.30 -8.53 9.59
N ILE B 239 9.90 -7.50 8.86
CA ILE B 239 9.76 -6.15 9.38
C ILE B 239 8.73 -6.14 10.50
N ARG B 240 9.06 -5.51 11.61
CA ARG B 240 8.07 -5.24 12.66
C ARG B 240 7.68 -3.76 12.64
N HIS B 241 6.37 -3.51 12.53
CA HIS B 241 5.85 -2.14 12.47
C HIS B 241 5.50 -1.59 13.85
N ILE B 242 5.97 -0.37 14.13
CA ILE B 242 5.76 0.25 15.43
C ILE B 242 5.17 1.63 15.25
N GLY B 243 3.98 1.84 15.80
CA GLY B 243 3.34 3.14 15.74
C GLY B 243 4.04 4.09 16.70
N LEU B 244 4.12 5.37 16.32
CA LEU B 244 4.90 6.35 17.07
C LEU B 244 4.11 7.64 17.21
N ALA B 245 4.01 8.16 18.42
CA ALA B 245 3.26 9.38 18.65
C ALA B 245 3.84 10.09 19.88
N ALA B 246 4.18 11.37 19.73
CA ALA B 246 4.74 12.09 20.87
C ALA B 246 4.31 13.55 20.82
N LYS B 247 4.35 14.20 21.98
CA LYS B 247 3.95 15.58 22.12
C LYS B 247 5.01 16.33 22.92
N GLN B 248 5.00 17.65 22.76
CA GLN B 248 6.06 18.50 23.29
C GLN B 248 6.03 18.63 24.81
#